data_8HLY
#
_entry.id   8HLY
#
_cell.length_a   33.043
_cell.length_b   84.763
_cell.length_c   89.187
_cell.angle_alpha   90.00
_cell.angle_beta   90.00
_cell.angle_gamma   90.00
#
_symmetry.space_group_name_H-M   'P 21 21 21'
#
loop_
_entity.id
_entity.type
_entity.pdbx_description
1 polymer 'NAD-dependent protein deacetylase sirtuin-3, mitochondrial'
2 polymer 'H3K23la peptide'
3 non-polymer GLYCEROL
4 non-polymer 1,2-ETHANEDIOL
5 non-polymer 'ZINC ION'
6 non-polymer '(2S)-2-HYDROXYPROPANOIC ACID'
7 water water
#
loop_
_entity_poly.entity_id
_entity_poly.type
_entity_poly.pdbx_seq_one_letter_code
_entity_poly.pdbx_strand_id
1 'polypeptide(L)'
;DKGKLSLQDVAELIRARACQRVVVMVGAGISTPSGIPDFRSPGSGLYSNLQQYDLPYPEAIFELPFFFHNPKPFFTLAKE
LYPGNYKPNVTHYFLRLLHDKGLLLRLYTQNIDGLERVSGIPASKLVEAHGTFASATCTVCQRPFPGEDIRADVMADRVP
RCPVCTGVVKPDIVFFGEPLPQRFLLHVVDFPMADLLLILGTSLEVEPFASLTEAVRSSVPRLLINRDLVGPLAWHPRSR
DVAQLGDVVHGVESLVELLGWTEEMRDLVQRETGKLDGPDK
;
A
2 'polypeptide(L)' ATKAAR B
#
# COMPACT_ATOMS: atom_id res chain seq x y z
N LYS A 4 5.30 9.48 -25.90
CA LYS A 4 4.93 8.71 -27.09
C LYS A 4 3.83 7.70 -26.77
N LEU A 5 4.00 6.93 -25.70
CA LEU A 5 3.04 5.88 -25.37
C LEU A 5 1.79 6.46 -24.74
N SER A 6 0.65 5.89 -25.09
CA SER A 6 -0.64 6.25 -24.51
C SER A 6 -1.14 5.10 -23.64
N LEU A 7 -2.23 5.38 -22.92
CA LEU A 7 -2.90 4.33 -22.15
C LEU A 7 -3.39 3.20 -23.05
N GLN A 8 -3.89 3.55 -24.24
CA GLN A 8 -4.26 2.52 -25.20
C GLN A 8 -3.06 1.70 -25.64
N ASP A 9 -1.92 2.37 -25.86
CA ASP A 9 -0.69 1.63 -26.20
C ASP A 9 -0.39 0.60 -25.12
N VAL A 10 -0.42 1.02 -23.85
CA VAL A 10 -0.12 0.08 -22.77
C VAL A 10 -1.13 -1.07 -22.78
N ALA A 11 -2.42 -0.74 -22.97
CA ALA A 11 -3.43 -1.79 -23.02
C ALA A 11 -3.14 -2.79 -24.12
N GLU A 12 -2.73 -2.32 -25.31
CA GLU A 12 -2.44 -3.23 -26.41
C GLU A 12 -1.19 -4.05 -26.13
N LEU A 13 -0.19 -3.46 -25.48
CA LEU A 13 1.00 -4.22 -25.11
C LEU A 13 0.63 -5.42 -24.24
N ILE A 14 -0.33 -5.23 -23.33
CA ILE A 14 -0.78 -6.31 -22.47
C ILE A 14 -1.61 -7.31 -23.27
N ARG A 15 -2.52 -6.80 -24.09
CA ARG A 15 -3.44 -7.67 -24.87
C ARG A 15 -2.62 -8.55 -25.81
N ALA A 16 -1.57 -8.01 -26.40
CA ALA A 16 -0.72 -8.74 -27.33
C ALA A 16 0.37 -9.53 -26.63
N ARG A 17 0.34 -9.58 -25.29
CA ARG A 17 1.31 -10.31 -24.49
C ARG A 17 2.73 -9.79 -24.67
N ALA A 18 2.90 -8.54 -25.12
CA ALA A 18 4.22 -7.95 -25.16
C ALA A 18 4.71 -7.52 -23.77
N CYS A 19 3.79 -7.26 -22.84
CA CYS A 19 4.09 -7.04 -21.44
C CYS A 19 3.41 -8.16 -20.66
N GLN A 20 4.21 -9.03 -20.02
CA GLN A 20 3.68 -10.24 -19.39
C GLN A 20 4.00 -10.36 -17.91
N ARG A 21 4.91 -9.52 -17.38
CA ARG A 21 5.41 -9.66 -16.01
C ARG A 21 5.28 -8.30 -15.35
N VAL A 22 4.09 -8.02 -14.82
CA VAL A 22 3.74 -6.70 -14.31
C VAL A 22 4.09 -6.60 -12.84
N VAL A 23 4.82 -5.56 -12.47
CA VAL A 23 5.06 -5.23 -11.08
C VAL A 23 4.30 -3.94 -10.78
N VAL A 24 3.76 -3.87 -9.57
CA VAL A 24 2.82 -2.83 -9.18
C VAL A 24 3.27 -2.21 -7.87
N MET A 25 3.18 -0.89 -7.80
CA MET A 25 3.46 -0.10 -6.60
C MET A 25 2.20 0.69 -6.27
N VAL A 26 1.78 0.65 -5.00
CA VAL A 26 0.58 1.37 -4.58
C VAL A 26 0.80 2.05 -3.24
N GLY A 27 0.05 3.12 -3.01
CA GLY A 27 0.01 3.82 -1.74
C GLY A 27 -1.39 4.09 -1.25
N ALA A 28 -1.52 5.05 -0.32
CA ALA A 28 -2.80 5.28 0.34
C ALA A 28 -3.87 5.75 -0.64
N GLY A 29 -3.48 6.24 -1.81
CA GLY A 29 -4.44 6.73 -2.79
C GLY A 29 -5.34 5.66 -3.36
N ILE A 30 -4.95 4.39 -3.30
CA ILE A 30 -5.86 3.36 -3.80
C ILE A 30 -6.89 2.94 -2.76
N SER A 31 -6.78 3.39 -1.51
CA SER A 31 -7.69 2.96 -0.47
C SER A 31 -8.58 4.06 0.09
N THR A 32 -8.34 5.32 -0.26
CA THR A 32 -9.30 6.34 0.11
C THR A 32 -10.67 6.13 -0.51
N PRO A 33 -10.82 5.57 -1.73
CA PRO A 33 -12.18 5.29 -2.23
C PRO A 33 -12.90 4.24 -1.41
N SER A 34 -12.20 3.46 -0.60
CA SER A 34 -12.80 2.51 0.32
C SER A 34 -13.15 3.15 1.66
N GLY A 35 -12.88 4.45 1.83
CA GLY A 35 -13.20 5.15 3.05
C GLY A 35 -12.06 5.25 4.05
N ILE A 36 -10.85 4.83 3.68
CA ILE A 36 -9.71 4.88 4.57
C ILE A 36 -8.95 6.18 4.27
N PRO A 37 -8.97 7.17 5.16
CA PRO A 37 -8.30 8.43 4.86
C PRO A 37 -6.79 8.26 4.77
N ASP A 38 -6.18 9.10 3.94
CA ASP A 38 -4.73 9.13 3.76
C ASP A 38 -4.11 9.95 4.89
N PHE A 39 -3.22 9.33 5.66
CA PHE A 39 -2.65 10.00 6.83
C PHE A 39 -1.79 11.20 6.44
N ARG A 40 -1.40 11.33 5.18
CA ARG A 40 -0.69 12.52 4.71
C ARG A 40 -1.58 13.40 3.84
N SER A 41 -2.88 13.15 3.81
CA SER A 41 -3.84 14.05 3.19
C SER A 41 -5.21 13.79 3.80
N PRO A 42 -5.38 14.05 5.09
CA PRO A 42 -6.57 13.56 5.80
C PRO A 42 -7.80 14.43 5.54
N GLY A 43 -8.93 13.94 6.02
CA GLY A 43 -10.18 14.66 5.92
C GLY A 43 -10.86 14.77 7.27
N SER A 44 -12.18 14.96 7.27
CA SER A 44 -12.95 15.22 8.48
C SER A 44 -13.37 13.94 9.22
N GLY A 45 -12.64 12.85 9.02
CA GLY A 45 -13.00 11.59 9.65
C GLY A 45 -12.10 11.18 10.80
N LEU A 46 -11.43 10.04 10.65
CA LEU A 46 -10.68 9.45 11.75
C LEU A 46 -9.62 10.41 12.28
N TYR A 47 -8.84 11.02 11.38
CA TYR A 47 -7.71 11.84 11.82
C TYR A 47 -8.19 13.18 12.38
N SER A 48 -9.33 13.68 11.92
CA SER A 48 -9.86 14.90 12.52
C SER A 48 -10.27 14.66 13.96
N ASN A 49 -10.79 13.48 14.27
CA ASN A 49 -11.26 13.19 15.62
C ASN A 49 -10.09 12.97 16.57
N LEU A 50 -9.08 12.21 16.14
CA LEU A 50 -7.93 11.97 17.00
C LEU A 50 -7.15 13.25 17.26
N GLN A 51 -7.06 14.13 16.26
CA GLN A 51 -6.37 15.40 16.46
C GLN A 51 -7.10 16.31 17.42
N GLN A 52 -8.40 16.11 17.63
CA GLN A 52 -9.17 16.83 18.64
C GLN A 52 -9.16 16.14 19.99
N TYR A 53 -8.43 15.02 20.13
CA TYR A 53 -8.31 14.34 21.41
C TYR A 53 -6.89 14.42 21.93
N ASP A 54 -5.91 13.79 21.25
CA ASP A 54 -4.54 13.87 21.74
C ASP A 54 -3.47 13.70 20.67
N LEU A 55 -3.81 13.73 19.38
CA LEU A 55 -2.83 13.58 18.30
C LEU A 55 -2.39 14.95 17.80
N PRO A 56 -1.11 15.31 17.94
CA PRO A 56 -0.68 16.65 17.48
C PRO A 56 -0.72 16.82 15.97
N TYR A 57 -0.34 15.80 15.20
CA TYR A 57 -0.46 15.81 13.75
C TYR A 57 -0.50 14.36 13.27
N PRO A 58 -1.03 14.10 12.08
CA PRO A 58 -1.26 12.69 11.67
C PRO A 58 0.00 11.85 11.57
N GLU A 59 1.11 12.39 11.07
CA GLU A 59 2.30 11.55 10.92
C GLU A 59 2.84 11.07 12.26
N ALA A 60 2.51 11.74 13.36
CA ALA A 60 2.97 11.29 14.67
C ALA A 60 2.46 9.90 15.03
N ILE A 61 1.36 9.45 14.39
CA ILE A 61 0.89 8.09 14.65
C ILE A 61 1.96 7.08 14.30
N PHE A 62 2.83 7.40 13.34
CA PHE A 62 3.88 6.51 12.86
C PHE A 62 5.28 7.02 13.22
N GLU A 63 5.38 7.81 14.29
CA GLU A 63 6.66 8.30 14.81
C GLU A 63 6.93 7.69 16.17
N LEU A 64 8.15 7.21 16.37
CA LEU A 64 8.46 6.44 17.58
C LEU A 64 8.49 7.33 18.81
N PRO A 65 9.11 8.52 18.77
CA PRO A 65 9.12 9.35 19.99
C PRO A 65 7.72 9.65 20.51
N PHE A 66 6.78 9.99 19.61
CA PHE A 66 5.43 10.24 20.05
C PHE A 66 4.76 8.97 20.58
N PHE A 67 4.99 7.84 19.89
CA PHE A 67 4.44 6.57 20.36
C PHE A 67 4.92 6.26 21.78
N PHE A 68 6.23 6.40 22.03
CA PHE A 68 6.75 6.17 23.37
C PHE A 68 6.10 7.09 24.40
N HIS A 69 5.63 8.26 23.96
CA HIS A 69 4.98 9.23 24.84
C HIS A 69 3.49 8.97 25.00
N ASN A 70 2.81 8.60 23.93
CA ASN A 70 1.37 8.32 23.98
C ASN A 70 1.04 7.36 22.85
N PRO A 71 0.96 6.06 23.13
CA PRO A 71 0.66 5.08 22.09
C PRO A 71 -0.81 4.98 21.71
N LYS A 72 -1.71 5.68 22.41
CA LYS A 72 -3.14 5.44 22.28
C LYS A 72 -3.67 5.85 20.92
N PRO A 73 -3.26 6.99 20.35
CA PRO A 73 -3.71 7.31 18.99
C PRO A 73 -3.41 6.20 17.99
N PHE A 74 -2.18 5.67 18.00
CA PHE A 74 -1.87 4.61 17.05
C PHE A 74 -2.81 3.43 17.23
N PHE A 75 -3.08 3.03 18.48
CA PHE A 75 -3.90 1.84 18.69
C PHE A 75 -5.36 2.07 18.35
N THR A 76 -5.84 3.32 18.41
CA THR A 76 -7.15 3.64 17.86
C THR A 76 -7.18 3.40 16.36
N LEU A 77 -6.11 3.80 15.66
CA LEU A 77 -6.01 3.50 14.24
C LEU A 77 -5.90 1.99 13.99
N ALA A 78 -5.08 1.30 14.78
CA ALA A 78 -4.99 -0.16 14.62
C ALA A 78 -6.37 -0.80 14.74
N LYS A 79 -7.15 -0.40 15.73
CA LYS A 79 -8.51 -0.90 15.88
C LYS A 79 -9.33 -0.63 14.62
N GLU A 80 -9.19 0.58 14.06
CA GLU A 80 -9.99 0.96 12.90
C GLU A 80 -9.63 0.13 11.67
N LEU A 81 -8.37 -0.29 11.55
CA LEU A 81 -7.90 -1.00 10.38
C LEU A 81 -8.07 -2.51 10.47
N TYR A 82 -8.75 -3.02 11.49
CA TYR A 82 -9.03 -4.44 11.60
C TYR A 82 -9.60 -4.96 10.29
N PRO A 83 -8.98 -5.98 9.68
CA PRO A 83 -9.47 -6.46 8.37
C PRO A 83 -10.94 -6.83 8.39
N GLY A 84 -11.65 -6.40 7.36
CA GLY A 84 -13.08 -6.54 7.31
C GLY A 84 -13.84 -5.30 7.72
N ASN A 85 -13.16 -4.30 8.29
CA ASN A 85 -13.80 -3.03 8.57
C ASN A 85 -13.97 -2.20 7.30
N TYR A 86 -13.10 -2.40 6.31
CA TYR A 86 -13.21 -1.74 5.02
C TYR A 86 -13.16 -2.81 3.92
N LYS A 87 -13.79 -2.50 2.81
CA LYS A 87 -13.79 -3.44 1.70
C LYS A 87 -12.93 -2.92 0.56
N PRO A 88 -12.31 -3.81 -0.22
CA PRO A 88 -11.54 -3.35 -1.38
C PRO A 88 -12.46 -2.65 -2.36
N ASN A 89 -11.89 -1.75 -3.16
CA ASN A 89 -12.62 -1.10 -4.24
C ASN A 89 -12.09 -1.59 -5.59
N VAL A 90 -12.55 -0.96 -6.68
CA VAL A 90 -12.23 -1.42 -8.03
C VAL A 90 -10.72 -1.49 -8.26
N THR A 91 -9.95 -0.63 -7.61
CA THR A 91 -8.50 -0.64 -7.80
C THR A 91 -7.89 -1.96 -7.33
N HIS A 92 -8.27 -2.42 -6.14
CA HIS A 92 -7.79 -3.71 -5.66
C HIS A 92 -8.25 -4.84 -6.57
N TYR A 93 -9.52 -4.86 -6.93
CA TYR A 93 -10.02 -5.97 -7.73
C TYR A 93 -9.40 -5.97 -9.13
N PHE A 94 -8.97 -4.80 -9.62
CA PHE A 94 -8.20 -4.80 -10.84
C PHE A 94 -6.86 -5.50 -10.63
N LEU A 95 -6.22 -5.23 -9.49
CA LEU A 95 -4.97 -5.93 -9.19
C LEU A 95 -5.22 -7.41 -9.00
N ARG A 96 -6.33 -7.78 -8.36
CA ARG A 96 -6.72 -9.18 -8.28
C ARG A 96 -6.86 -9.79 -9.67
N LEU A 97 -7.51 -9.07 -10.57
CA LEU A 97 -7.67 -9.55 -11.95
C LEU A 97 -6.32 -9.74 -12.63
N LEU A 98 -5.39 -8.80 -12.42
CA LEU A 98 -4.05 -8.99 -12.97
C LEU A 98 -3.45 -10.31 -12.49
N HIS A 99 -3.64 -10.62 -11.21
CA HIS A 99 -3.13 -11.87 -10.69
C HIS A 99 -3.84 -13.07 -11.31
N ASP A 100 -5.18 -13.00 -11.41
CA ASP A 100 -5.94 -14.14 -11.93
C ASP A 100 -5.57 -14.45 -13.36
N LYS A 101 -5.20 -13.44 -14.14
CA LYS A 101 -4.86 -13.60 -15.54
C LYS A 101 -3.39 -13.89 -15.78
N GLY A 102 -2.62 -14.14 -14.72
CA GLY A 102 -1.25 -14.58 -14.87
C GLY A 102 -0.27 -13.51 -15.22
N LEU A 103 -0.61 -12.24 -15.00
CA LEU A 103 0.22 -11.12 -15.39
C LEU A 103 0.98 -10.50 -14.23
N LEU A 104 0.59 -10.79 -12.99
CA LEU A 104 1.11 -10.09 -11.83
C LEU A 104 2.35 -10.80 -11.32
N LEU A 105 3.52 -10.16 -11.47
CA LEU A 105 4.73 -10.67 -10.87
C LEU A 105 4.77 -10.38 -9.38
N ARG A 106 4.52 -9.13 -9.00
CA ARG A 106 4.50 -8.78 -7.59
C ARG A 106 3.78 -7.44 -7.41
N LEU A 107 3.11 -7.31 -6.27
CA LEU A 107 2.41 -6.09 -5.87
C LEU A 107 3.06 -5.57 -4.60
N TYR A 108 3.74 -4.43 -4.71
CA TYR A 108 4.38 -3.74 -3.59
C TYR A 108 3.43 -2.67 -3.07
N THR A 109 3.03 -2.78 -1.80
CA THR A 109 2.09 -1.84 -1.21
C THR A 109 2.70 -1.14 0.00
N GLN A 110 2.46 0.17 0.09
CA GLN A 110 2.80 0.95 1.27
C GLN A 110 1.67 0.95 2.31
N ASN A 111 0.56 0.30 2.01
CA ASN A 111 -0.60 0.35 2.89
C ASN A 111 -0.55 -0.77 3.91
N ILE A 112 -1.24 -0.54 5.03
CA ILE A 112 -1.32 -1.48 6.13
C ILE A 112 -2.77 -1.86 6.40
N ASP A 113 -3.65 -1.65 5.42
CA ASP A 113 -5.05 -1.96 5.58
C ASP A 113 -5.41 -3.38 5.19
N GLY A 114 -4.48 -4.13 4.61
CA GLY A 114 -4.73 -5.50 4.24
C GLY A 114 -5.74 -5.71 3.13
N LEU A 115 -6.09 -4.65 2.39
CA LEU A 115 -7.16 -4.79 1.41
C LEU A 115 -6.70 -5.58 0.18
N GLU A 116 -5.40 -5.58 -0.12
CA GLU A 116 -4.90 -6.45 -1.18
C GLU A 116 -5.22 -7.91 -0.89
N ARG A 117 -4.99 -8.34 0.36
CA ARG A 117 -5.29 -9.72 0.73
C ARG A 117 -6.80 -9.96 0.75
N VAL A 118 -7.57 -9.00 1.25
CA VAL A 118 -9.02 -9.15 1.28
C VAL A 118 -9.57 -9.32 -0.12
N SER A 119 -8.98 -8.62 -1.10
CA SER A 119 -9.41 -8.75 -2.49
C SER A 119 -9.05 -10.10 -3.10
N GLY A 120 -8.28 -10.92 -2.40
CA GLY A 120 -7.96 -12.26 -2.86
C GLY A 120 -6.60 -12.44 -3.48
N ILE A 121 -5.72 -11.45 -3.38
CA ILE A 121 -4.37 -11.61 -3.94
C ILE A 121 -3.54 -12.44 -2.96
N PRO A 122 -2.90 -13.52 -3.41
CA PRO A 122 -2.16 -14.37 -2.46
C PRO A 122 -0.98 -13.62 -1.85
N ALA A 123 -0.67 -14.00 -0.60
CA ALA A 123 0.43 -13.37 0.12
C ALA A 123 1.74 -13.45 -0.65
N SER A 124 1.96 -14.55 -1.40
CA SER A 124 3.21 -14.71 -2.11
C SER A 124 3.38 -13.69 -3.24
N LYS A 125 2.29 -13.09 -3.72
CA LYS A 125 2.36 -12.02 -4.71
C LYS A 125 2.52 -10.64 -4.09
N LEU A 126 2.46 -10.55 -2.77
CA LEU A 126 2.44 -9.27 -2.08
C LEU A 126 3.76 -9.01 -1.38
N VAL A 127 4.17 -7.75 -1.39
CA VAL A 127 5.22 -7.25 -0.51
C VAL A 127 4.59 -6.09 0.25
N GLU A 128 4.24 -6.33 1.50
CA GLU A 128 3.69 -5.29 2.36
C GLU A 128 4.87 -4.56 2.96
N ALA A 129 5.36 -3.56 2.21
CA ALA A 129 6.66 -2.95 2.47
C ALA A 129 6.67 -2.10 3.72
N HIS A 130 5.51 -1.66 4.22
CA HIS A 130 5.45 -0.84 5.42
C HIS A 130 4.95 -1.62 6.63
N GLY A 131 5.07 -2.93 6.58
CA GLY A 131 4.84 -3.77 7.74
C GLY A 131 3.44 -4.33 7.79
N THR A 132 3.15 -4.94 8.94
CA THR A 132 1.98 -5.76 9.11
C THR A 132 1.54 -5.76 10.58
N PHE A 133 0.23 -5.95 10.77
CA PHE A 133 -0.32 -6.19 12.10
C PHE A 133 -0.24 -7.66 12.50
N ALA A 134 0.33 -8.52 11.65
CA ALA A 134 0.34 -9.94 11.91
C ALA A 134 1.31 -10.32 13.03
N SER A 135 2.26 -9.45 13.37
CA SER A 135 3.19 -9.68 14.45
C SER A 135 3.46 -8.36 15.16
N ALA A 136 3.99 -8.45 16.38
CA ALA A 136 4.25 -7.28 17.21
C ALA A 136 5.54 -7.50 17.99
N THR A 137 6.09 -6.39 18.49
CA THR A 137 7.37 -6.41 19.18
C THR A 137 7.29 -5.52 20.42
N CYS A 138 7.70 -6.04 21.57
CA CYS A 138 7.80 -5.18 22.75
C CYS A 138 8.81 -4.07 22.51
N THR A 139 8.40 -2.82 22.77
CA THR A 139 9.27 -1.68 22.52
C THR A 139 10.38 -1.55 23.56
N VAL A 140 10.28 -2.27 24.67
CA VAL A 140 11.26 -2.19 25.75
C VAL A 140 12.27 -3.33 25.67
N CYS A 141 11.78 -4.59 25.63
CA CYS A 141 12.67 -5.75 25.67
C CYS A 141 12.85 -6.42 24.31
N GLN A 142 12.08 -6.03 23.30
CA GLN A 142 12.16 -6.52 21.93
C GLN A 142 11.65 -7.95 21.75
N ARG A 143 10.95 -8.51 22.73
CA ARG A 143 10.36 -9.82 22.52
C ARG A 143 9.27 -9.75 21.45
N PRO A 144 9.19 -10.73 20.55
CA PRO A 144 8.13 -10.72 19.54
C PRO A 144 6.89 -11.44 20.03
N PHE A 145 5.75 -11.09 19.42
CA PHE A 145 4.47 -11.69 19.76
C PHE A 145 3.60 -11.85 18.51
N PRO A 146 2.82 -12.92 18.43
CA PRO A 146 1.83 -13.00 17.36
C PRO A 146 0.83 -11.85 17.44
N GLY A 147 0.39 -11.39 16.28
CA GLY A 147 -0.47 -10.22 16.22
C GLY A 147 -1.80 -10.40 16.91
N GLU A 148 -2.30 -11.64 16.98
CA GLU A 148 -3.58 -11.88 17.64
C GLU A 148 -3.47 -11.84 19.16
N ASP A 149 -2.25 -11.98 19.71
CA ASP A 149 -2.07 -11.93 21.15
C ASP A 149 -2.35 -10.55 21.73
N ILE A 150 -2.37 -9.51 20.89
CA ILE A 150 -2.67 -8.16 21.34
C ILE A 150 -4.00 -7.65 20.80
N ARG A 151 -4.65 -8.41 19.91
CA ARG A 151 -5.88 -7.92 19.28
C ARG A 151 -6.96 -7.69 20.32
N ALA A 152 -7.17 -8.66 21.21
CA ALA A 152 -8.20 -8.52 22.23
C ALA A 152 -7.99 -7.22 23.02
N ASP A 153 -6.74 -6.90 23.36
CA ASP A 153 -6.47 -5.65 24.06
C ASP A 153 -6.84 -4.46 23.18
N VAL A 154 -6.40 -4.46 21.94
CA VAL A 154 -6.64 -3.31 21.05
C VAL A 154 -8.13 -3.13 20.83
N MET A 155 -8.84 -4.23 20.56
CA MET A 155 -10.29 -4.15 20.38
C MET A 155 -11.00 -3.76 21.67
N ALA A 156 -10.38 -3.99 22.82
CA ALA A 156 -10.93 -3.56 24.09
C ALA A 156 -10.46 -2.16 24.50
N ASP A 157 -9.83 -1.42 23.59
CA ASP A 157 -9.34 -0.08 23.90
C ASP A 157 -8.31 -0.10 25.03
N ARG A 158 -7.53 -1.17 25.09
CA ARG A 158 -6.43 -1.30 26.04
C ARG A 158 -5.12 -1.25 25.29
N VAL A 159 -4.13 -0.61 25.88
CA VAL A 159 -2.77 -0.60 25.33
C VAL A 159 -2.14 -1.95 25.65
N PRO A 160 -1.77 -2.76 24.65
CA PRO A 160 -1.16 -4.06 24.95
C PRO A 160 0.21 -3.89 25.57
N ARG A 161 0.49 -4.70 26.59
CA ARG A 161 1.76 -4.63 27.30
C ARG A 161 2.41 -6.00 27.40
N CYS A 162 3.72 -6.00 27.51
CA CYS A 162 4.52 -7.22 27.44
C CYS A 162 4.36 -8.05 28.72
N PRO A 163 4.14 -9.37 28.62
CA PRO A 163 4.00 -10.17 29.85
C PRO A 163 5.29 -10.32 30.64
N VAL A 164 6.44 -10.00 30.06
CA VAL A 164 7.70 -10.11 30.78
C VAL A 164 8.08 -8.80 31.44
N CYS A 165 8.14 -7.70 30.68
CA CYS A 165 8.64 -6.44 31.21
C CYS A 165 7.58 -5.34 31.32
N THR A 166 6.36 -5.59 30.84
CA THR A 166 5.22 -4.67 30.89
C THR A 166 5.35 -3.47 29.96
N GLY A 167 6.36 -3.44 29.09
CA GLY A 167 6.45 -2.39 28.11
C GLY A 167 5.35 -2.49 27.05
N VAL A 168 5.14 -1.39 26.35
CA VAL A 168 4.10 -1.36 25.32
C VAL A 168 4.54 -2.20 24.13
N VAL A 169 3.64 -3.07 23.66
CA VAL A 169 3.89 -3.96 22.54
C VAL A 169 3.36 -3.28 21.29
N LYS A 170 4.23 -3.05 20.32
CA LYS A 170 3.88 -2.32 19.12
C LYS A 170 3.78 -3.25 17.94
N PRO A 171 2.68 -3.25 17.19
CA PRO A 171 2.62 -4.04 15.95
C PRO A 171 3.79 -3.69 15.04
N ASP A 172 4.21 -4.67 14.23
N ASP A 172 4.19 -4.67 14.22
CA ASP A 172 5.39 -4.47 13.40
CA ASP A 172 5.35 -4.53 13.35
C ASP A 172 5.05 -3.67 12.15
C ASP A 172 5.00 -3.69 12.11
N ILE A 173 4.33 -2.56 12.34
CA ILE A 173 4.13 -1.56 11.31
C ILE A 173 5.42 -0.75 11.21
N VAL A 174 5.84 -0.42 9.99
CA VAL A 174 7.07 0.33 9.80
C VAL A 174 6.79 1.80 10.10
N PHE A 175 7.35 2.30 11.20
CA PHE A 175 7.27 3.71 11.54
C PHE A 175 8.39 4.48 10.84
N PHE A 176 8.26 5.80 10.80
CA PHE A 176 9.37 6.62 10.31
C PHE A 176 10.62 6.28 11.12
N GLY A 177 11.76 6.21 10.44
CA GLY A 177 13.02 5.92 11.08
C GLY A 177 13.28 4.46 11.33
N GLU A 178 12.43 3.57 10.84
CA GLU A 178 12.63 2.13 11.00
C GLU A 178 12.96 1.49 9.65
N PRO A 179 13.70 0.38 9.66
CA PRO A 179 13.93 -0.36 8.41
C PRO A 179 12.67 -1.08 7.96
N LEU A 180 12.63 -1.37 6.66
CA LEU A 180 11.53 -2.12 6.09
C LEU A 180 11.78 -3.62 6.27
N PRO A 181 10.74 -4.44 6.15
CA PRO A 181 10.94 -5.89 6.29
C PRO A 181 11.88 -6.44 5.24
N GLN A 182 12.54 -7.56 5.57
CA GLN A 182 13.47 -8.18 4.64
C GLN A 182 12.77 -8.63 3.36
N ARG A 183 11.47 -8.92 3.44
CA ARG A 183 10.74 -9.30 2.23
C ARG A 183 10.77 -8.19 1.19
N PHE A 184 11.00 -6.95 1.63
CA PHE A 184 11.16 -5.84 0.69
C PHE A 184 12.27 -6.10 -0.31
N LEU A 185 13.31 -6.83 0.09
CA LEU A 185 14.46 -7.09 -0.76
C LEU A 185 14.13 -8.07 -1.89
N LEU A 186 12.89 -8.52 -2.00
CA LEU A 186 12.47 -9.18 -3.23
C LEU A 186 12.60 -8.24 -4.43
N HIS A 187 12.65 -6.93 -4.19
CA HIS A 187 12.74 -5.99 -5.32
C HIS A 187 14.04 -6.17 -6.09
N VAL A 188 15.08 -6.70 -5.45
CA VAL A 188 16.38 -6.87 -6.12
C VAL A 188 16.22 -7.71 -7.38
N VAL A 189 15.34 -8.72 -7.34
CA VAL A 189 15.10 -9.55 -8.51
C VAL A 189 13.78 -9.19 -9.21
N ASP A 190 12.77 -8.78 -8.44
CA ASP A 190 11.46 -8.50 -9.04
C ASP A 190 11.53 -7.35 -10.05
N PHE A 191 12.26 -6.30 -9.73
CA PHE A 191 12.16 -5.08 -10.53
C PHE A 191 12.96 -5.18 -11.82
N PRO A 192 14.16 -5.76 -11.82
CA PRO A 192 14.84 -6.03 -13.10
C PRO A 192 14.08 -6.99 -14.00
N MET A 193 13.23 -7.83 -13.43
CA MET A 193 12.51 -8.84 -14.19
C MET A 193 11.17 -8.33 -14.71
N ALA A 194 10.63 -7.26 -14.13
CA ALA A 194 9.40 -6.67 -14.63
C ALA A 194 9.59 -6.18 -16.05
N ASP A 195 8.56 -6.31 -16.88
CA ASP A 195 8.52 -5.68 -18.19
C ASP A 195 7.46 -4.60 -18.28
N LEU A 196 6.76 -4.33 -17.17
CA LEU A 196 5.81 -3.22 -17.07
C LEU A 196 5.71 -2.86 -15.61
N LEU A 197 5.75 -1.56 -15.31
CA LEU A 197 5.55 -1.04 -13.96
C LEU A 197 4.27 -0.22 -13.93
N LEU A 198 3.38 -0.56 -12.99
CA LEU A 198 2.16 0.18 -12.71
C LEU A 198 2.32 0.86 -11.36
N ILE A 199 2.02 2.15 -11.29
CA ILE A 199 2.05 2.92 -10.05
C ILE A 199 0.67 3.53 -9.85
N LEU A 200 0.00 3.17 -8.76
CA LEU A 200 -1.36 3.59 -8.49
C LEU A 200 -1.45 4.29 -7.14
N GLY A 201 -2.10 5.45 -7.12
CA GLY A 201 -2.52 6.10 -5.90
C GLY A 201 -1.43 6.26 -4.86
N THR A 202 -0.38 6.99 -5.20
CA THR A 202 0.67 7.27 -4.24
C THR A 202 1.28 8.62 -4.58
N SER A 203 1.79 9.27 -3.54
CA SER A 203 2.50 10.53 -3.67
C SER A 203 3.95 10.33 -4.06
N LEU A 204 4.49 9.13 -3.87
CA LEU A 204 5.92 8.87 -4.04
C LEU A 204 6.77 9.80 -3.20
N GLU A 205 6.24 10.23 -2.05
CA GLU A 205 6.97 11.11 -1.14
C GLU A 205 7.58 10.37 0.04
N VAL A 206 7.40 9.05 0.12
CA VAL A 206 7.94 8.25 1.20
C VAL A 206 9.00 7.30 0.64
N GLU A 207 10.20 7.39 1.18
CA GLU A 207 11.37 6.58 0.84
C GLU A 207 11.59 5.54 1.91
N PRO A 208 12.29 4.43 1.60
CA PRO A 208 12.89 4.08 0.30
C PRO A 208 11.92 3.50 -0.72
N PHE A 209 10.63 3.41 -0.39
CA PHE A 209 9.67 2.81 -1.31
C PHE A 209 9.63 3.55 -2.65
N ALA A 210 9.63 4.89 -2.61
CA ALA A 210 9.44 5.65 -3.84
C ALA A 210 10.53 5.35 -4.86
N SER A 211 11.77 5.17 -4.41
CA SER A 211 12.88 5.00 -5.33
C SER A 211 12.78 3.72 -6.14
N LEU A 212 11.85 2.81 -5.80
CA LEU A 212 11.64 1.64 -6.62
C LEU A 212 11.19 1.98 -8.05
N THR A 213 10.60 3.17 -8.26
CA THR A 213 10.22 3.54 -9.61
C THR A 213 11.41 3.60 -10.55
N GLU A 214 12.62 3.80 -10.02
CA GLU A 214 13.82 3.86 -10.84
C GLU A 214 14.46 2.50 -11.04
N ALA A 215 13.98 1.46 -10.37
CA ALA A 215 14.63 0.16 -10.36
C ALA A 215 14.25 -0.71 -11.55
N VAL A 216 13.20 -0.36 -12.29
CA VAL A 216 12.89 -1.09 -13.51
C VAL A 216 13.84 -0.65 -14.62
N ARG A 217 13.96 -1.50 -15.64
CA ARG A 217 14.84 -1.22 -16.76
C ARG A 217 14.29 -0.08 -17.62
N SER A 218 15.20 0.60 -18.32
CA SER A 218 14.82 1.75 -19.14
C SER A 218 13.84 1.36 -20.23
N SER A 219 13.84 0.09 -20.64
CA SER A 219 12.93 -0.40 -21.67
C SER A 219 11.50 -0.53 -21.18
N VAL A 220 11.31 -0.51 -19.86
CA VAL A 220 10.03 -0.88 -19.27
C VAL A 220 9.12 0.34 -19.20
N PRO A 221 7.91 0.26 -19.74
CA PRO A 221 6.95 1.37 -19.53
C PRO A 221 6.59 1.49 -18.06
N ARG A 222 6.42 2.73 -17.61
CA ARG A 222 5.96 3.04 -16.26
C ARG A 222 4.64 3.77 -16.42
N LEU A 223 3.55 3.12 -16.02
CA LEU A 223 2.21 3.69 -16.12
C LEU A 223 1.80 4.18 -14.73
N LEU A 224 1.65 5.49 -14.62
CA LEU A 224 1.17 6.13 -13.39
C LEU A 224 -0.33 6.38 -13.53
N ILE A 225 -1.12 5.79 -12.65
CA ILE A 225 -2.55 6.12 -12.53
C ILE A 225 -2.71 6.81 -11.18
N ASN A 226 -2.82 8.14 -11.22
CA ASN A 226 -2.79 8.96 -10.00
C ASN A 226 -3.47 10.31 -10.29
N ARG A 227 -3.90 11.06 -9.26
CA ARG A 227 -4.51 12.40 -9.43
C ARG A 227 -3.49 13.33 -10.11
N ASP A 228 -2.21 13.16 -9.82
CA ASP A 228 -1.15 14.05 -10.34
C ASP A 228 0.14 13.32 -10.70
N LEU A 229 0.94 13.92 -11.56
CA LEU A 229 2.27 13.42 -11.89
C LEU A 229 3.22 13.75 -10.73
N VAL A 230 3.85 12.73 -10.16
CA VAL A 230 4.56 12.88 -8.90
C VAL A 230 5.90 12.14 -8.93
N GLY A 231 6.78 12.55 -8.01
CA GLY A 231 7.98 11.81 -7.74
C GLY A 231 8.94 11.79 -8.90
N PRO A 232 9.77 10.74 -8.99
CA PRO A 232 10.70 10.63 -10.11
C PRO A 232 10.02 10.62 -11.46
N LEU A 233 8.77 10.17 -11.53
CA LEU A 233 8.04 10.22 -12.79
C LEU A 233 7.89 11.64 -13.31
N ALA A 234 7.81 12.62 -12.41
CA ALA A 234 7.63 14.03 -12.80
C ALA A 234 8.98 14.71 -13.06
N TRP A 235 10.00 14.45 -12.25
CA TRP A 235 11.30 15.17 -12.36
C TRP A 235 12.24 14.50 -13.35
N HIS A 236 12.22 13.17 -13.45
CA HIS A 236 13.14 12.43 -14.31
C HIS A 236 12.33 11.47 -15.18
N PRO A 237 11.53 12.01 -16.09
CA PRO A 237 10.71 11.16 -16.96
C PRO A 237 11.57 10.31 -17.89
N ARG A 238 11.08 9.11 -18.18
CA ARG A 238 11.70 8.22 -19.13
C ARG A 238 10.85 8.14 -20.40
N SER A 239 11.49 7.69 -21.49
CA SER A 239 10.88 7.77 -22.81
C SER A 239 9.57 6.99 -22.89
N ARG A 240 9.43 5.92 -22.11
CA ARG A 240 8.26 5.05 -22.20
C ARG A 240 7.32 5.21 -21.00
N ASP A 241 7.38 6.34 -20.31
CA ASP A 241 6.45 6.60 -19.22
C ASP A 241 5.07 6.97 -19.77
N VAL A 242 4.04 6.63 -19.00
CA VAL A 242 2.66 6.98 -19.33
C VAL A 242 1.98 7.44 -18.05
N ALA A 243 1.26 8.55 -18.12
CA ALA A 243 0.53 9.12 -16.99
C ALA A 243 -0.94 9.21 -17.34
N GLN A 244 -1.78 8.54 -16.55
CA GLN A 244 -3.24 8.62 -16.66
C GLN A 244 -3.70 9.36 -15.41
N LEU A 245 -3.90 10.67 -15.54
CA LEU A 245 -4.06 11.56 -14.39
C LEU A 245 -5.53 11.86 -14.13
N GLY A 246 -5.92 11.75 -12.87
CA GLY A 246 -7.28 11.97 -12.43
C GLY A 246 -7.62 10.98 -11.35
N ASP A 247 -8.91 10.92 -11.01
CA ASP A 247 -9.40 9.96 -10.03
C ASP A 247 -8.84 8.58 -10.33
N VAL A 248 -8.29 7.91 -9.30
CA VAL A 248 -7.62 6.65 -9.52
C VAL A 248 -8.61 5.58 -9.99
N VAL A 249 -9.84 5.64 -9.48
CA VAL A 249 -10.86 4.67 -9.88
C VAL A 249 -11.23 4.86 -11.34
N HIS A 250 -11.43 6.11 -11.76
CA HIS A 250 -11.79 6.35 -13.16
C HIS A 250 -10.65 5.95 -14.08
N GLY A 251 -9.41 6.19 -13.66
CA GLY A 251 -8.27 5.77 -14.47
C GLY A 251 -8.16 4.26 -14.59
N VAL A 252 -8.39 3.54 -13.48
CA VAL A 252 -8.36 2.08 -13.54
C VAL A 252 -9.50 1.58 -14.43
N GLU A 253 -10.69 2.16 -14.28
CA GLU A 253 -11.82 1.72 -15.09
C GLU A 253 -11.57 1.99 -16.57
N SER A 254 -10.88 3.09 -16.90
CA SER A 254 -10.55 3.35 -18.30
C SER A 254 -9.60 2.31 -18.85
N LEU A 255 -8.60 1.91 -18.05
CA LEU A 255 -7.69 0.87 -18.49
C LEU A 255 -8.40 -0.46 -18.64
N VAL A 256 -9.28 -0.77 -17.69
CA VAL A 256 -10.05 -2.01 -17.77
C VAL A 256 -10.83 -2.06 -19.08
N GLU A 257 -11.49 -0.96 -19.43
CA GLU A 257 -12.26 -0.93 -20.67
C GLU A 257 -11.35 -1.10 -21.87
N LEU A 258 -10.19 -0.45 -21.87
CA LEU A 258 -9.28 -0.58 -22.99
C LEU A 258 -8.72 -2.00 -23.08
N LEU A 259 -8.56 -2.69 -21.95
CA LEU A 259 -8.13 -4.08 -21.96
C LEU A 259 -9.23 -5.05 -22.39
N GLY A 260 -10.48 -4.58 -22.46
CA GLY A 260 -11.60 -5.48 -22.69
C GLY A 260 -11.89 -6.38 -21.53
N TRP A 261 -11.66 -5.92 -20.30
CA TRP A 261 -11.85 -6.72 -19.10
C TRP A 261 -13.10 -6.31 -18.32
N THR A 262 -13.93 -5.44 -18.89
CA THR A 262 -15.09 -4.93 -18.16
C THR A 262 -15.95 -6.06 -17.62
N GLU A 263 -16.18 -7.08 -18.44
CA GLU A 263 -17.08 -8.16 -18.02
C GLU A 263 -16.43 -9.02 -16.94
N GLU A 264 -15.14 -9.32 -17.06
CA GLU A 264 -14.46 -10.04 -15.99
C GLU A 264 -14.55 -9.26 -14.69
N MET A 265 -14.25 -7.95 -14.75
CA MET A 265 -14.30 -7.13 -13.54
C MET A 265 -15.67 -7.21 -12.89
N ARG A 266 -16.73 -7.07 -13.68
CA ARG A 266 -18.07 -7.13 -13.14
C ARG A 266 -18.34 -8.49 -12.51
N ASP A 267 -17.94 -9.57 -13.19
CA ASP A 267 -18.06 -10.90 -12.60
C ASP A 267 -17.30 -10.98 -11.28
N LEU A 268 -16.04 -10.55 -11.28
CA LEU A 268 -15.21 -10.67 -10.09
C LEU A 268 -15.84 -9.92 -8.92
N VAL A 269 -16.32 -8.71 -9.15
CA VAL A 269 -16.81 -7.88 -8.05
C VAL A 269 -18.04 -8.51 -7.42
N GLN A 270 -19.00 -8.93 -8.24
CA GLN A 270 -20.23 -9.49 -7.67
C GLN A 270 -19.95 -10.80 -6.94
N ARG A 271 -19.07 -11.64 -7.49
CA ARG A 271 -18.73 -12.88 -6.82
C ARG A 271 -18.05 -12.63 -5.48
N GLU A 272 -17.31 -11.53 -5.37
CA GLU A 272 -16.59 -11.20 -4.15
C GLU A 272 -17.46 -10.38 -3.18
N THR A 273 -18.12 -9.34 -3.68
CA THR A 273 -18.95 -8.49 -2.85
C THR A 273 -20.36 -9.06 -2.74
N ALA B 1 17.82 3.59 4.05
CA ALA B 1 17.32 2.27 4.36
C ALA B 1 16.07 2.35 5.24
N THR B 2 15.91 3.47 5.95
CA THR B 2 14.80 3.63 6.88
C THR B 2 13.72 4.51 6.25
N LYS B 3 12.49 4.30 6.70
CA LYS B 3 11.35 5.04 6.19
C LYS B 3 11.49 6.53 6.51
N ALA B 4 11.35 7.36 5.48
CA ALA B 4 11.49 8.80 5.64
C ALA B 4 10.61 9.50 4.61
N ALA B 5 10.21 10.72 4.94
CA ALA B 5 9.54 11.62 4.02
C ALA B 5 10.56 12.59 3.43
N ARG B 6 10.41 12.91 2.15
CA ARG B 6 11.30 13.89 1.53
C ARG B 6 11.06 15.29 2.08
#